data_5A5F
#
_entry.id   5A5F
#
_cell.length_a   66.440
_cell.length_b   89.840
_cell.length_c   108.540
_cell.angle_alpha   90.00
_cell.angle_beta   90.00
_cell.angle_gamma   90.00
#
_symmetry.space_group_name_H-M   'P 21 21 21'
#
loop_
_entity.id
_entity.type
_entity.pdbx_description
1 polymer 'UDP-N-ACETYLMURAMOYLALANINE--D-GLUTAMATE LIGASE'
2 non-polymer "URIDINE-5'-DIPHOSPHATE-N-ACETYLMURAMOYL-L-ALANINE"
3 non-polymer "ADENOSINE-5'-DIPHOSPHATE"
4 non-polymer 'MALONATE ION'
5 water water
#
_entity_poly.entity_id   1
_entity_poly.type   'polypeptide(L)'
_entity_poly.pdbx_seq_one_letter_code
;ADYQGKNVVIIGLGLTGLSCVDFFLARGVTPRVMDTRMTPPGLDKLPEAVERHTGSLNDEWLMAADLIVASPGIALAHPS
LSAAADAGIEIVGDIELFCREAQAPIVAITGSNGKSTVTTLVGEMAKAAGVNVGVGGNIGLPALMLLDDECELYVLELSS
FQLETTSSLQAVAATILNVTEDHMDRYPFGLQQYRAAKLRIYENAKVCVVNADDALTMPIRGADERCVSFGVNMGDYHLN
HQQGETWLRVKGEKVLNVKEMKLSGQHNYTNALAALALADAAGLPRASSLKALTTFTGLPHRFEVVLEHNGVRWINDSKA
TNVGSTEAALNGLHVDGTLHLLLGGDGKSADFSPLARYLNGDNVRLYCFGRDGAQLAALRPEVAEQTETMEQAMRLLAPR
VQPGDMVLLSPACASLDQFKNFEQRGNEFARLAKELGS
;
_entity_poly.pdbx_strand_id   A
#
loop_
_chem_comp.id
_chem_comp.type
_chem_comp.name
_chem_comp.formula
ADP non-polymer ADENOSINE-5'-DIPHOSPHATE 'C10 H15 N5 O10 P2'
MLI non-polymer 'MALONATE ION' 'C3 H2 O4 -2'
#
# COMPACT_ATOMS: atom_id res chain seq x y z
N ALA A 1 19.35 -17.68 12.75
CA ALA A 1 20.71 -17.62 12.15
C ALA A 1 21.71 -17.13 13.20
N ASP A 2 23.00 -17.31 12.92
CA ASP A 2 24.07 -16.94 13.85
C ASP A 2 25.01 -15.96 13.17
N TYR A 3 25.19 -14.78 13.77
CA TYR A 3 26.02 -13.77 13.16
C TYR A 3 27.26 -13.48 14.02
N GLN A 4 27.45 -14.31 15.04
CA GLN A 4 28.59 -14.21 15.95
C GLN A 4 29.92 -14.05 15.22
N GLY A 5 30.63 -12.96 15.51
CA GLY A 5 31.94 -12.71 14.91
C GLY A 5 31.94 -12.34 13.44
N LYS A 6 30.77 -12.15 12.85
CA LYS A 6 30.68 -11.63 11.48
C LYS A 6 31.00 -10.12 11.38
N ASN A 7 31.54 -9.72 10.24
CA ASN A 7 31.64 -8.29 9.86
C ASN A 7 30.36 -7.83 9.11
N VAL A 8 29.50 -7.08 9.79
CA VAL A 8 28.19 -6.73 9.23
C VAL A 8 28.21 -5.25 8.86
N VAL A 9 27.74 -4.93 7.66
CA VAL A 9 27.64 -3.53 7.28
C VAL A 9 26.22 -3.25 6.87
N ILE A 10 25.66 -2.18 7.43
CA ILE A 10 24.30 -1.80 7.15
C ILE A 10 24.30 -0.55 6.28
N ILE A 11 23.55 -0.55 5.19
CA ILE A 11 23.40 0.63 4.35
C ILE A 11 22.04 1.25 4.57
N GLY A 12 22.09 2.52 4.94
CA GLY A 12 20.90 3.31 5.11
C GLY A 12 20.66 3.59 6.58
N LEU A 13 20.46 4.87 6.89
CA LEU A 13 20.16 5.28 8.24
C LEU A 13 18.80 5.91 8.37
N GLY A 14 17.76 5.23 7.89
CA GLY A 14 16.38 5.57 8.25
C GLY A 14 15.82 4.57 9.28
N LEU A 15 14.49 4.35 9.27
CA LEU A 15 13.86 3.46 10.23
C LEU A 15 14.42 2.04 10.12
N THR A 16 14.61 1.61 8.90
CA THR A 16 15.10 0.26 8.66
C THR A 16 16.49 -0.01 9.21
N GLY A 17 17.46 0.82 8.79
CA GLY A 17 18.86 0.68 9.20
C GLY A 17 18.99 0.68 10.72
N LEU A 18 18.19 1.53 11.39
CA LEU A 18 18.22 1.60 12.85
C LEU A 18 17.65 0.35 13.51
N SER A 19 16.62 -0.23 12.90
CA SER A 19 16.06 -1.45 13.48
C SER A 19 17.08 -2.57 13.28
N CYS A 20 17.84 -2.49 12.19
CA CYS A 20 18.93 -3.46 11.98
C CYS A 20 20.10 -3.28 12.97
N VAL A 21 20.44 -2.04 13.27
CA VAL A 21 21.45 -1.78 14.28
C VAL A 21 21.03 -2.39 15.60
N ASP A 22 19.81 -2.08 16.03
CA ASP A 22 19.25 -2.66 17.25
C ASP A 22 19.27 -4.20 17.22
N PHE A 23 18.85 -4.78 16.12
CA PHE A 23 18.86 -6.23 15.96
C PHE A 23 20.25 -6.84 16.18
N PHE A 24 21.27 -6.27 15.55
CA PHE A 24 22.62 -6.86 15.71
C PHE A 24 23.23 -6.61 17.09
N LEU A 25 23.05 -5.41 17.62
CA LEU A 25 23.54 -5.12 18.98
C LEU A 25 22.92 -6.05 20.03
N ALA A 26 21.63 -6.38 19.88
CA ALA A 26 20.94 -7.23 20.86
C ALA A 26 21.51 -8.64 20.84
N ARG A 27 22.19 -8.98 19.75
CA ARG A 27 22.89 -10.26 19.66
C ARG A 27 24.38 -10.13 19.95
N GLY A 28 24.79 -9.02 20.56
CA GLY A 28 26.22 -8.71 20.72
C GLY A 28 27.05 -8.77 19.45
N VAL A 29 26.49 -8.33 18.33
CA VAL A 29 27.25 -8.05 17.11
C VAL A 29 27.19 -6.55 16.84
N THR A 30 28.36 -5.92 16.66
CA THR A 30 28.39 -4.48 16.44
C THR A 30 28.57 -4.23 14.95
N PRO A 31 27.51 -3.77 14.26
CA PRO A 31 27.62 -3.54 12.83
C PRO A 31 28.26 -2.18 12.59
N ARG A 32 28.79 -1.95 11.39
CA ARG A 32 29.06 -0.60 10.92
C ARG A 32 27.90 -0.14 10.06
N VAL A 33 27.73 1.17 9.94
CA VAL A 33 26.63 1.71 9.16
C VAL A 33 27.12 2.82 8.27
N MET A 34 26.55 2.89 7.08
CA MET A 34 26.81 3.99 6.18
C MET A 34 25.53 4.45 5.53
N ASP A 35 25.62 5.63 4.96
CA ASP A 35 24.48 6.19 4.24
C ASP A 35 25.06 7.17 3.23
N THR A 36 24.45 7.24 2.04
CA THR A 36 24.97 8.16 1.00
C THR A 36 24.71 9.62 1.41
N ARG A 37 23.76 9.85 2.30
CA ARG A 37 23.46 11.24 2.67
C ARG A 37 24.39 11.67 3.81
N MET A 38 24.79 12.94 3.83
CA MET A 38 25.65 13.44 4.91
C MET A 38 24.98 13.32 6.30
N THR A 39 23.72 13.76 6.37
CA THR A 39 22.99 13.78 7.64
C THR A 39 21.66 13.05 7.45
N PRO A 40 21.70 11.71 7.38
CA PRO A 40 20.45 10.97 7.17
C PRO A 40 19.56 11.12 8.40
N PRO A 41 18.24 10.87 8.26
CA PRO A 41 17.31 11.22 9.33
C PRO A 41 17.51 10.39 10.61
N GLY A 42 18.00 9.15 10.52
CA GLY A 42 18.22 8.34 11.71
C GLY A 42 19.56 8.57 12.41
N LEU A 43 20.38 9.48 11.88
CA LEU A 43 21.75 9.66 12.41
C LEU A 43 21.75 9.94 13.91
N ASP A 44 20.87 10.84 14.36
CA ASP A 44 20.74 11.26 15.75
C ASP A 44 20.43 10.10 16.71
N LYS A 45 19.76 9.09 16.17
CA LYS A 45 19.18 8.04 16.95
C LYS A 45 20.20 6.94 17.22
N LEU A 46 21.35 7.02 16.53
CA LEU A 46 22.28 5.90 16.47
C LEU A 46 23.03 5.76 17.81
N PRO A 47 23.28 4.53 18.28
CA PRO A 47 24.13 4.38 19.47
C PRO A 47 25.56 4.87 19.26
N GLU A 48 26.14 5.50 20.27
CA GLU A 48 27.45 6.08 20.11
C GLU A 48 28.48 5.02 19.81
N ALA A 49 28.19 3.77 20.15
CA ALA A 49 29.18 2.70 20.05
C ALA A 49 29.41 2.34 18.58
N VAL A 50 28.51 2.78 17.71
CA VAL A 50 28.48 2.30 16.33
C VAL A 50 29.32 3.15 15.37
N GLU A 51 30.30 2.56 14.69
CA GLU A 51 31.08 3.26 13.70
C GLU A 51 30.21 3.59 12.50
N ARG A 52 30.34 4.80 11.96
CA ARG A 52 29.47 5.18 10.85
C ARG A 52 30.24 5.97 9.79
N HIS A 53 29.69 5.95 8.59
CA HIS A 53 30.27 6.64 7.44
C HIS A 53 29.15 7.26 6.65
N THR A 54 29.06 8.59 6.64
CA THR A 54 28.02 9.23 5.86
C THR A 54 28.55 10.11 4.75
N GLY A 55 27.64 10.49 3.84
CA GLY A 55 27.98 11.36 2.71
C GLY A 55 28.33 10.58 1.44
N SER A 56 28.49 9.26 1.58
CA SER A 56 28.85 8.37 0.48
C SER A 56 28.86 6.96 1.05
N LEU A 57 28.97 5.96 0.19
CA LEU A 57 29.22 4.61 0.66
C LEU A 57 30.71 4.38 0.88
N ASN A 58 31.08 3.59 1.88
CA ASN A 58 32.45 3.17 2.05
C ASN A 58 32.71 1.81 1.43
N ASP A 59 33.36 1.82 0.27
CA ASP A 59 33.55 0.61 -0.52
C ASP A 59 34.49 -0.39 0.17
N GLU A 60 35.46 0.10 0.94
CA GLU A 60 36.38 -0.79 1.67
C GLU A 60 35.68 -1.50 2.81
N TRP A 61 34.83 -0.76 3.51
CA TRP A 61 33.85 -1.35 4.41
C TRP A 61 33.02 -2.40 3.70
N LEU A 62 32.34 -2.03 2.63
CA LEU A 62 31.52 -3.00 1.89
C LEU A 62 32.34 -4.25 1.51
N MET A 63 33.53 -4.04 0.97
CA MET A 63 34.29 -5.14 0.37
C MET A 63 34.89 -6.06 1.42
N ALA A 64 35.10 -5.54 2.62
CA ALA A 64 35.55 -6.37 3.75
C ALA A 64 34.40 -7.06 4.50
N ALA A 65 33.15 -6.71 4.19
CA ALA A 65 31.98 -7.31 4.87
C ALA A 65 31.84 -8.84 4.72
N ASP A 66 31.36 -9.50 5.76
CA ASP A 66 30.74 -10.82 5.62
C ASP A 66 29.27 -10.73 5.19
N LEU A 67 28.56 -9.74 5.70
CA LEU A 67 27.14 -9.59 5.40
C LEU A 67 26.85 -8.13 5.18
N ILE A 68 26.21 -7.80 4.05
CA ILE A 68 25.68 -6.46 3.80
C ILE A 68 24.15 -6.44 3.93
N VAL A 69 23.65 -5.57 4.81
CA VAL A 69 22.22 -5.42 5.02
C VAL A 69 21.78 -4.10 4.40
N ALA A 70 20.98 -4.19 3.35
CA ALA A 70 20.64 -3.03 2.52
C ALA A 70 19.21 -2.61 2.81
N SER A 71 19.03 -1.40 3.34
CA SER A 71 17.72 -0.75 3.43
C SER A 71 17.05 -0.70 2.03
N PRO A 72 15.70 -0.74 1.99
CA PRO A 72 14.94 -0.84 0.72
C PRO A 72 15.05 0.43 -0.12
N GLY A 73 15.42 1.53 0.53
CA GLY A 73 15.61 2.81 -0.14
C GLY A 73 16.86 2.92 -1.00
N ILE A 74 17.72 1.90 -0.99
CA ILE A 74 18.87 1.90 -1.94
C ILE A 74 18.79 0.71 -2.90
N ALA A 75 18.96 0.97 -4.21
CA ALA A 75 18.85 -0.07 -5.24
C ALA A 75 20.00 -1.08 -5.19
N LEU A 76 19.64 -2.35 -5.31
CA LEU A 76 20.64 -3.40 -5.44
C LEU A 76 21.56 -3.09 -6.61
N ALA A 77 21.01 -2.44 -7.63
CA ALA A 77 21.76 -2.10 -8.83
C ALA A 77 22.77 -1.00 -8.60
N HIS A 78 22.80 -0.41 -7.41
CA HIS A 78 23.81 0.61 -7.12
C HIS A 78 25.19 0.03 -7.44
N PRO A 79 26.00 0.79 -8.20
CA PRO A 79 27.33 0.31 -8.63
C PRO A 79 28.16 -0.27 -7.46
N SER A 80 28.09 0.35 -6.28
CA SER A 80 28.79 -0.20 -5.10
C SER A 80 28.25 -1.58 -4.67
N LEU A 81 26.93 -1.74 -4.69
CA LEU A 81 26.36 -3.04 -4.37
C LEU A 81 26.57 -4.13 -5.43
N SER A 82 26.42 -3.82 -6.71
CA SER A 82 26.69 -4.89 -7.69
C SER A 82 28.15 -5.34 -7.63
N ALA A 83 29.05 -4.45 -7.23
CA ALA A 83 30.46 -4.82 -7.05
C ALA A 83 30.69 -5.75 -5.85
N ALA A 84 29.92 -5.54 -4.78
CA ALA A 84 29.95 -6.42 -3.61
C ALA A 84 29.38 -7.77 -3.99
N ALA A 85 28.24 -7.74 -4.67
CA ALA A 85 27.61 -8.94 -5.22
C ALA A 85 28.59 -9.71 -6.11
N ASP A 86 29.37 -9.00 -6.91
CA ASP A 86 30.34 -9.65 -7.79
C ASP A 86 31.47 -10.24 -6.97
N ALA A 87 31.72 -9.64 -5.79
CA ALA A 87 32.72 -10.19 -4.88
C ALA A 87 32.10 -11.34 -4.09
N GLY A 88 30.83 -11.61 -4.33
CA GLY A 88 30.19 -12.75 -3.70
C GLY A 88 29.95 -12.45 -2.22
N ILE A 89 29.81 -11.17 -1.88
CA ILE A 89 29.40 -10.79 -0.56
C ILE A 89 27.89 -10.91 -0.46
N GLU A 90 27.41 -11.58 0.59
CA GLU A 90 25.98 -11.83 0.78
C GLU A 90 25.29 -10.49 1.08
N ILE A 91 24.19 -10.23 0.36
CA ILE A 91 23.41 -9.01 0.57
C ILE A 91 21.99 -9.43 0.96
N VAL A 92 21.49 -8.87 2.05
CA VAL A 92 20.14 -9.17 2.50
C VAL A 92 19.50 -7.86 2.94
N GLY A 93 18.20 -7.88 3.20
CA GLY A 93 17.52 -6.71 3.81
C GLY A 93 16.94 -7.10 5.16
N ASP A 94 16.24 -6.16 5.80
CA ASP A 94 15.65 -6.43 7.11
C ASP A 94 14.60 -7.52 7.07
N ILE A 95 13.83 -7.59 6.00
CA ILE A 95 12.79 -8.63 5.94
C ILE A 95 13.42 -10.03 5.92
N GLU A 96 14.53 -10.17 5.20
CA GLU A 96 15.26 -11.42 5.21
C GLU A 96 15.73 -11.80 6.62
N LEU A 97 16.29 -10.83 7.35
CA LEU A 97 16.85 -11.06 8.67
C LEU A 97 15.67 -11.52 9.53
N PHE A 98 14.52 -10.91 9.28
CA PHE A 98 13.32 -11.17 10.05
C PHE A 98 12.83 -12.60 9.84
N CYS A 99 12.67 -13.00 8.57
CA CYS A 99 12.14 -14.32 8.25
C CYS A 99 12.99 -15.45 8.84
N ARG A 100 14.30 -15.23 8.97
CA ARG A 100 15.18 -16.24 9.59
C ARG A 100 14.92 -16.43 11.07
N GLU A 101 14.43 -15.40 11.74
CA GLU A 101 14.24 -15.50 13.18
C GLU A 101 12.79 -15.80 13.58
N ALA A 102 11.84 -15.47 12.69
CA ALA A 102 10.42 -15.49 13.05
C ALA A 102 9.99 -16.90 13.46
N GLN A 103 9.23 -17.01 14.56
CA GLN A 103 8.81 -18.31 15.08
C GLN A 103 7.30 -18.45 15.02
N ALA A 104 6.64 -17.64 14.20
CA ALA A 104 5.19 -17.78 14.02
C ALA A 104 4.95 -17.57 12.53
N PRO A 105 3.83 -18.09 12.03
CA PRO A 105 3.49 -17.90 10.62
C PRO A 105 3.42 -16.43 10.18
N ILE A 106 3.77 -16.20 8.90
CA ILE A 106 3.72 -14.88 8.28
C ILE A 106 2.71 -14.82 7.17
N VAL A 107 1.79 -13.87 7.30
CA VAL A 107 0.97 -13.40 6.18
C VAL A 107 1.75 -12.27 5.51
N ALA A 108 1.85 -12.29 4.19
CA ALA A 108 2.71 -11.35 3.48
C ALA A 108 1.88 -10.63 2.39
N ILE A 109 1.86 -9.30 2.40
CA ILE A 109 0.98 -8.52 1.52
C ILE A 109 1.74 -7.50 0.67
N THR A 110 1.58 -7.56 -0.66
CA THR A 110 2.18 -6.54 -1.50
C THR A 110 1.22 -6.11 -2.60
N GLY A 111 1.70 -5.25 -3.49
CA GLY A 111 0.85 -4.65 -4.51
C GLY A 111 1.03 -3.16 -4.59
N SER A 112 0.58 -2.58 -5.69
CA SER A 112 0.79 -1.16 -5.91
C SER A 112 -0.07 -0.28 -4.98
N ASN A 113 -1.31 -0.71 -4.70
CA ASN A 113 -2.23 0.11 -3.87
C ASN A 113 -3.17 -0.79 -3.02
N GLY A 114 -3.59 -0.32 -1.85
CA GLY A 114 -4.38 -1.20 -0.97
C GLY A 114 -3.62 -1.95 0.10
N LYS A 115 -2.29 -1.85 0.11
CA LYS A 115 -1.47 -2.69 1.02
C LYS A 115 -1.78 -2.43 2.48
N SER A 116 -1.73 -1.16 2.88
CA SER A 116 -1.98 -0.87 4.29
C SER A 116 -3.42 -1.19 4.73
N THR A 117 -4.39 -0.92 3.86
CA THR A 117 -5.76 -1.32 4.13
C THR A 117 -5.87 -2.79 4.39
N VAL A 118 -5.36 -3.60 3.46
CA VAL A 118 -5.44 -5.05 3.60
C VAL A 118 -4.61 -5.56 4.78
N THR A 119 -3.40 -5.01 4.97
CA THR A 119 -2.56 -5.41 6.10
C THR A 119 -3.32 -5.12 7.42
N THR A 120 -3.83 -3.91 7.56
CA THR A 120 -4.57 -3.53 8.81
C THR A 120 -5.75 -4.43 9.07
N LEU A 121 -6.47 -4.71 7.99
CA LEU A 121 -7.68 -5.51 8.12
C LEU A 121 -7.36 -6.94 8.56
N VAL A 122 -6.36 -7.56 7.95
CA VAL A 122 -5.92 -8.91 8.41
C VAL A 122 -5.52 -8.85 9.88
N GLY A 123 -4.82 -7.78 10.30
CA GLY A 123 -4.56 -7.64 11.73
C GLY A 123 -5.81 -7.56 12.58
N GLU A 124 -6.84 -6.90 12.08
CA GLU A 124 -8.04 -6.73 12.86
C GLU A 124 -8.77 -8.08 12.97
N MET A 125 -8.69 -8.87 11.92
CA MET A 125 -9.30 -10.22 11.90
C MET A 125 -8.59 -11.08 12.92
N ALA A 126 -7.26 -11.02 12.93
CA ALA A 126 -6.51 -11.77 13.97
C ALA A 126 -6.86 -11.26 15.36
N LYS A 127 -6.93 -9.94 15.55
CA LYS A 127 -7.30 -9.40 16.88
C LYS A 127 -8.68 -9.88 17.31
N ALA A 128 -9.59 -10.01 16.37
CA ALA A 128 -10.98 -10.33 16.73
C ALA A 128 -11.00 -11.80 17.21
N ALA A 129 -10.02 -12.57 16.77
CA ALA A 129 -9.88 -13.96 17.19
C ALA A 129 -9.06 -14.11 18.48
N GLY A 130 -8.63 -12.99 19.07
CA GLY A 130 -7.85 -13.06 20.34
C GLY A 130 -6.41 -13.46 20.06
N VAL A 131 -5.96 -13.33 18.82
CA VAL A 131 -4.57 -13.70 18.50
C VAL A 131 -3.61 -12.53 18.80
N ASN A 132 -2.47 -12.85 19.41
CA ASN A 132 -1.39 -11.89 19.57
C ASN A 132 -0.68 -11.67 18.22
N VAL A 133 -1.21 -10.75 17.40
CA VAL A 133 -0.72 -10.55 16.04
C VAL A 133 0.29 -9.39 16.00
N GLY A 134 1.43 -9.57 15.30
CA GLY A 134 2.43 -8.50 15.05
C GLY A 134 2.24 -7.97 13.63
N VAL A 135 1.79 -6.72 13.50
CA VAL A 135 1.58 -6.07 12.17
C VAL A 135 2.70 -5.04 11.92
N GLY A 136 3.38 -5.14 10.79
CA GLY A 136 4.46 -4.20 10.53
C GLY A 136 5.02 -4.45 9.15
N GLY A 137 6.24 -3.99 8.93
CA GLY A 137 6.83 -3.96 7.58
C GLY A 137 6.66 -2.60 6.96
N ASN A 138 6.45 -2.58 5.65
CA ASN A 138 6.34 -1.32 4.87
C ASN A 138 5.32 -0.36 5.41
N ILE A 139 4.28 -0.89 6.05
CA ILE A 139 3.21 -0.10 6.65
C ILE A 139 3.79 0.98 7.58
N GLY A 140 4.94 0.71 8.18
CA GLY A 140 5.67 1.76 8.86
C GLY A 140 6.31 1.35 10.18
N LEU A 141 6.04 0.14 10.64
CA LEU A 141 6.71 -0.35 11.86
C LEU A 141 7.73 -1.41 11.41
N PRO A 142 9.04 -1.07 11.42
CA PRO A 142 10.03 -2.02 10.86
C PRO A 142 9.84 -3.45 11.45
N ALA A 143 9.82 -4.44 10.58
CA ALA A 143 9.51 -5.81 10.93
C ALA A 143 10.38 -6.34 12.07
N LEU A 144 11.67 -6.01 12.09
CA LEU A 144 12.57 -6.56 13.13
C LEU A 144 12.08 -6.21 14.53
N MET A 145 11.43 -5.05 14.66
CA MET A 145 10.89 -4.65 15.95
CA MET A 145 10.92 -4.65 15.96
C MET A 145 9.72 -5.50 16.39
N LEU A 146 9.08 -6.21 15.47
CA LEU A 146 7.93 -7.08 15.84
C LEU A 146 8.37 -8.36 16.52
N LEU A 147 9.64 -8.73 16.34
CA LEU A 147 10.08 -10.06 16.75
C LEU A 147 9.83 -10.29 18.23
N ASP A 148 9.03 -11.30 18.53
CA ASP A 148 8.57 -11.47 19.88
C ASP A 148 8.16 -12.92 20.05
N ASP A 149 8.81 -13.58 21.01
CA ASP A 149 8.48 -14.97 21.36
C ASP A 149 6.98 -15.21 21.60
N GLU A 150 6.25 -14.19 22.06
CA GLU A 150 4.82 -14.36 22.35
C GLU A 150 3.92 -14.11 21.12
N CYS A 151 4.47 -13.54 20.08
CA CYS A 151 3.70 -13.32 18.85
CA CYS A 151 3.69 -13.32 18.86
C CYS A 151 3.25 -14.63 18.21
N GLU A 152 1.98 -14.71 17.82
CA GLU A 152 1.42 -15.98 17.32
C GLU A 152 1.16 -15.91 15.82
N LEU A 153 1.18 -14.70 15.27
CA LEU A 153 0.96 -14.49 13.82
C LEU A 153 1.62 -13.17 13.48
N TYR A 154 2.46 -13.15 12.43
CA TYR A 154 2.92 -11.89 11.81
C TYR A 154 2.20 -11.53 10.54
N VAL A 155 1.83 -10.26 10.40
CA VAL A 155 1.21 -9.77 9.17
C VAL A 155 2.11 -8.65 8.60
N LEU A 156 2.77 -8.93 7.48
CA LEU A 156 3.84 -8.04 6.95
C LEU A 156 3.35 -7.42 5.67
N GLU A 157 3.35 -6.09 5.61
CA GLU A 157 3.23 -5.39 4.35
C GLU A 157 4.63 -5.27 3.78
N LEU A 158 4.75 -5.60 2.49
CA LEU A 158 6.01 -5.71 1.82
C LEU A 158 5.98 -4.88 0.52
N SER A 159 7.08 -4.14 0.29
CA SER A 159 7.29 -3.37 -0.98
C SER A 159 8.04 -4.27 -1.91
N SER A 160 7.96 -3.98 -3.21
CA SER A 160 8.91 -4.54 -4.17
C SER A 160 10.37 -4.42 -3.76
N PHE A 161 10.75 -3.28 -3.17
CA PHE A 161 12.14 -3.04 -2.79
C PHE A 161 12.53 -4.09 -1.74
N GLN A 162 11.70 -4.25 -0.73
CA GLN A 162 12.00 -5.24 0.35
C GLN A 162 12.02 -6.66 -0.23
N LEU A 163 11.09 -6.97 -1.14
CA LEU A 163 11.05 -8.34 -1.70
C LEU A 163 12.30 -8.69 -2.48
N GLU A 164 12.85 -7.70 -3.19
CA GLU A 164 14.11 -7.90 -3.95
C GLU A 164 15.23 -8.50 -3.11
N THR A 165 15.32 -8.10 -1.84
CA THR A 165 16.47 -8.51 -0.97
C THR A 165 16.11 -9.70 -0.08
N THR A 166 14.98 -10.35 -0.37
CA THR A 166 14.42 -11.33 0.56
C THR A 166 14.40 -12.67 -0.15
N SER A 167 14.97 -13.70 0.47
CA SER A 167 15.02 -15.01 -0.15
C SER A 167 14.50 -16.18 0.72
N SER A 168 14.16 -15.93 1.98
CA SER A 168 13.73 -17.01 2.87
C SER A 168 12.27 -16.87 3.30
N LEU A 169 11.52 -15.94 2.71
CA LEU A 169 10.12 -15.80 3.09
C LEU A 169 9.43 -17.10 2.73
N GLN A 170 8.74 -17.70 3.70
CA GLN A 170 7.78 -18.81 3.41
C GLN A 170 6.46 -18.52 4.07
N ALA A 171 5.62 -17.74 3.42
CA ALA A 171 4.45 -17.18 4.07
C ALA A 171 3.39 -18.27 4.15
N VAL A 172 2.66 -18.32 5.26
CA VAL A 172 1.49 -19.18 5.33
C VAL A 172 0.47 -18.72 4.27
N ALA A 173 0.44 -17.41 3.97
CA ALA A 173 -0.43 -16.82 2.91
C ALA A 173 0.21 -15.55 2.34
N ALA A 174 0.19 -15.40 1.02
CA ALA A 174 0.79 -14.22 0.41
C ALA A 174 -0.08 -13.73 -0.76
N THR A 175 -0.16 -12.40 -0.92
CA THR A 175 -0.87 -11.81 -2.04
C THR A 175 -0.04 -10.67 -2.68
N ILE A 176 -0.26 -10.51 -3.99
CA ILE A 176 -0.07 -9.23 -4.69
C ILE A 176 -1.47 -8.70 -5.02
N LEU A 177 -1.84 -7.54 -4.48
CA LEU A 177 -3.21 -7.14 -4.59
C LEU A 177 -3.50 -6.63 -6.01
N ASN A 178 -2.48 -6.05 -6.64
CA ASN A 178 -2.60 -5.43 -7.97
C ASN A 178 -1.23 -4.92 -8.39
N VAL A 179 -1.10 -4.61 -9.66
CA VAL A 179 0.17 -4.09 -10.19
C VAL A 179 -0.13 -2.97 -11.19
N THR A 180 0.24 -1.74 -10.84
CA THR A 180 0.15 -0.63 -11.74
C THR A 180 1.49 0.13 -11.67
N GLU A 181 1.84 0.86 -12.71
CA GLU A 181 3.12 1.59 -12.76
C GLU A 181 3.48 2.45 -11.54
N ASP A 182 4.46 1.99 -10.75
CA ASP A 182 4.98 2.78 -9.64
C ASP A 182 6.48 2.59 -9.37
N HIS A 183 7.09 3.64 -8.80
CA HIS A 183 8.53 3.66 -8.48
CA HIS A 183 8.53 3.64 -8.48
C HIS A 183 9.40 3.38 -9.70
N MET A 184 8.98 3.86 -10.86
CA MET A 184 9.61 3.40 -12.08
C MET A 184 11.09 3.75 -12.21
N ASP A 185 11.55 4.77 -11.50
CA ASP A 185 12.99 5.06 -11.47
C ASP A 185 13.78 3.83 -11.02
N ARG A 186 13.25 3.09 -10.05
CA ARG A 186 13.90 1.87 -9.55
C ARG A 186 13.83 0.66 -10.50
N TYR A 187 13.04 0.76 -11.59
CA TYR A 187 12.78 -0.37 -12.49
C TYR A 187 12.97 0.00 -13.98
N PRO A 188 14.23 0.28 -14.38
CA PRO A 188 14.49 0.82 -15.72
C PRO A 188 14.05 -0.13 -16.85
N PHE A 189 13.85 -1.41 -16.51
CA PHE A 189 13.46 -2.38 -17.53
C PHE A 189 11.93 -2.52 -17.62
N GLY A 190 11.19 -1.79 -16.78
CA GLY A 190 9.79 -1.50 -17.08
C GLY A 190 8.83 -2.33 -16.23
N LEU A 191 7.56 -2.38 -16.65
CA LEU A 191 6.50 -2.92 -15.78
C LEU A 191 6.81 -4.36 -15.34
N GLN A 192 7.37 -5.17 -16.25
CA GLN A 192 7.68 -6.56 -15.93
C GLN A 192 8.79 -6.76 -14.89
N GLN A 193 9.75 -5.82 -14.78
CA GLN A 193 10.78 -5.90 -13.76
C GLN A 193 10.23 -5.53 -12.38
N TYR A 194 9.42 -4.47 -12.34
CA TYR A 194 8.64 -4.14 -11.14
C TYR A 194 7.76 -5.33 -10.69
N ARG A 195 6.98 -5.88 -11.61
CA ARG A 195 6.15 -7.07 -11.33
C ARG A 195 7.03 -8.24 -10.80
N ALA A 196 8.16 -8.53 -11.45
CA ALA A 196 8.99 -9.68 -11.07
C ALA A 196 9.47 -9.60 -9.63
N ALA A 197 9.88 -8.40 -9.20
CA ALA A 197 10.13 -8.19 -7.76
C ALA A 197 8.94 -8.63 -6.91
N LYS A 198 7.74 -8.20 -7.27
CA LYS A 198 6.57 -8.52 -6.45
C LYS A 198 6.30 -10.03 -6.41
N LEU A 199 6.50 -10.69 -7.55
CA LEU A 199 6.19 -12.13 -7.69
C LEU A 199 6.96 -13.03 -6.70
N ARG A 200 8.08 -12.53 -6.17
CA ARG A 200 8.90 -13.33 -5.24
C ARG A 200 8.12 -13.65 -3.97
N ILE A 201 7.13 -12.82 -3.70
CA ILE A 201 6.36 -13.00 -2.47
C ILE A 201 5.70 -14.39 -2.38
N TYR A 202 5.43 -14.99 -3.55
CA TYR A 202 4.71 -16.27 -3.63
C TYR A 202 5.62 -17.48 -3.45
N GLU A 203 6.92 -17.28 -3.61
CA GLU A 203 7.82 -18.41 -3.59
C GLU A 203 7.81 -19.07 -2.22
N ASN A 204 7.46 -20.36 -2.20
CA ASN A 204 7.36 -21.12 -0.96
C ASN A 204 6.24 -20.65 -0.08
N ALA A 205 5.31 -19.86 -0.62
CA ALA A 205 4.10 -19.51 0.11
C ALA A 205 3.21 -20.73 0.17
N LYS A 206 2.57 -20.98 1.30
CA LYS A 206 1.67 -22.14 1.40
C LYS A 206 0.37 -21.93 0.60
N VAL A 207 -0.20 -20.74 0.65
CA VAL A 207 -1.32 -20.34 -0.22
C VAL A 207 -0.96 -19.02 -0.91
N CYS A 208 -1.13 -18.96 -2.24
CA CYS A 208 -1.09 -17.69 -2.97
CA CYS A 208 -1.07 -17.68 -2.97
C CYS A 208 -2.49 -17.13 -3.16
N VAL A 209 -2.65 -15.86 -2.87
CA VAL A 209 -3.96 -15.26 -3.04
C VAL A 209 -3.76 -14.25 -4.17
N VAL A 210 -4.38 -14.50 -5.31
CA VAL A 210 -4.22 -13.65 -6.49
C VAL A 210 -5.48 -12.89 -6.83
N ASN A 211 -5.30 -11.86 -7.65
CA ASN A 211 -6.39 -11.01 -8.02
C ASN A 211 -6.85 -11.47 -9.38
N ALA A 212 -8.09 -11.94 -9.44
CA ALA A 212 -8.62 -12.58 -10.66
C ALA A 212 -8.76 -11.56 -11.77
N ASP A 213 -8.85 -10.27 -11.42
CA ASP A 213 -9.01 -9.20 -12.40
C ASP A 213 -7.70 -8.56 -12.87
N ASP A 214 -6.58 -8.94 -12.26
CA ASP A 214 -5.28 -8.39 -12.65
C ASP A 214 -4.26 -9.53 -12.87
N ALA A 215 -4.11 -9.94 -14.12
CA ALA A 215 -3.14 -10.95 -14.59
C ALA A 215 -1.75 -10.79 -14.00
N LEU A 216 -1.38 -9.53 -13.73
CA LEU A 216 -0.01 -9.24 -13.37
C LEU A 216 0.26 -9.79 -11.98
N THR A 217 -0.81 -10.00 -11.22
CA THR A 217 -0.71 -10.56 -9.87
C THR A 217 -0.51 -12.07 -9.85
N MET A 218 -0.61 -12.72 -11.01
CA MET A 218 -0.57 -14.17 -11.07
C MET A 218 0.81 -14.72 -11.39
N PRO A 219 1.21 -15.81 -10.71
CA PRO A 219 2.47 -16.40 -11.10
C PRO A 219 2.37 -16.83 -12.55
N ILE A 220 3.47 -16.72 -13.25
CA ILE A 220 3.50 -17.15 -14.67
C ILE A 220 3.20 -18.64 -14.80
N ARG A 221 3.73 -19.42 -13.86
CA ARG A 221 3.44 -20.86 -13.75
C ARG A 221 2.64 -21.08 -12.46
N CYS A 227 -3.11 -21.63 -5.94
CA CYS A 227 -3.62 -20.26 -5.83
CA CYS A 227 -3.53 -20.29 -5.61
C CYS A 227 -5.02 -20.27 -5.24
N VAL A 228 -5.44 -19.16 -4.68
CA VAL A 228 -6.83 -18.89 -4.38
C VAL A 228 -7.02 -17.50 -5.00
N SER A 229 -8.16 -17.23 -5.61
CA SER A 229 -8.37 -15.88 -6.19
C SER A 229 -9.46 -15.02 -5.54
N PHE A 230 -9.30 -13.71 -5.65
CA PHE A 230 -10.37 -12.76 -5.27
C PHE A 230 -10.64 -11.90 -6.47
N GLY A 231 -11.87 -11.39 -6.57
CA GLY A 231 -12.32 -10.73 -7.80
C GLY A 231 -13.63 -9.98 -7.61
N VAL A 232 -13.99 -9.17 -8.58
CA VAL A 232 -15.23 -8.42 -8.52
C VAL A 232 -16.40 -9.39 -8.86
N ASN A 233 -16.36 -10.00 -10.06
CA ASN A 233 -17.42 -10.86 -10.55
C ASN A 233 -17.10 -12.35 -10.43
N MET A 234 -15.83 -12.70 -10.32
CA MET A 234 -15.42 -14.09 -10.38
C MET A 234 -14.27 -14.38 -9.46
N GLY A 235 -14.04 -15.64 -9.16
CA GLY A 235 -12.93 -15.97 -8.27
C GLY A 235 -13.42 -16.74 -7.04
N ASP A 236 -12.51 -17.42 -6.34
CA ASP A 236 -12.94 -18.12 -5.14
C ASP A 236 -13.72 -17.17 -4.19
N TYR A 237 -13.19 -15.97 -4.04
CA TYR A 237 -13.75 -14.91 -3.22
C TYR A 237 -14.21 -13.83 -4.20
N HIS A 238 -15.51 -13.54 -4.23
CA HIS A 238 -15.97 -12.56 -5.18
C HIS A 238 -17.20 -11.83 -4.71
N LEU A 239 -17.64 -10.84 -5.48
CA LEU A 239 -18.87 -10.07 -5.09
C LEU A 239 -19.99 -10.55 -5.95
N ASN A 240 -21.19 -10.57 -5.41
CA ASN A 240 -22.35 -11.11 -6.11
C ASN A 240 -23.43 -10.07 -5.90
N HIS A 241 -23.67 -9.27 -6.94
CA HIS A 241 -24.74 -8.32 -6.91
C HIS A 241 -25.98 -8.93 -7.56
N GLN A 242 -27.09 -9.01 -6.82
CA GLN A 242 -28.35 -9.54 -7.35
C GLN A 242 -29.53 -9.16 -6.44
N GLN A 243 -30.70 -9.03 -7.03
CA GLN A 243 -31.90 -8.51 -6.34
C GLN A 243 -31.66 -7.28 -5.48
N GLY A 244 -30.80 -6.37 -5.94
CA GLY A 244 -30.58 -5.09 -5.24
C GLY A 244 -29.60 -5.15 -4.07
N GLU A 245 -28.93 -6.29 -3.92
CA GLU A 245 -27.97 -6.45 -2.80
C GLU A 245 -26.62 -6.91 -3.33
N THR A 246 -25.56 -6.55 -2.63
CA THR A 246 -24.25 -7.11 -2.91
C THR A 246 -23.77 -8.01 -1.76
N TRP A 247 -23.31 -9.21 -2.10
CA TRP A 247 -22.83 -10.17 -1.09
C TRP A 247 -21.37 -10.52 -1.35
N LEU A 248 -20.63 -10.69 -0.28
CA LEU A 248 -19.37 -11.43 -0.32
C LEU A 248 -19.70 -12.91 -0.54
N ARG A 249 -19.09 -13.50 -1.57
CA ARG A 249 -19.19 -14.93 -1.82
C ARG A 249 -17.85 -15.57 -1.64
N VAL A 250 -17.83 -16.70 -0.93
CA VAL A 250 -16.59 -17.47 -0.75
C VAL A 250 -16.88 -18.94 -1.04
N LYS A 251 -16.12 -19.49 -1.97
CA LYS A 251 -16.37 -20.84 -2.46
C LYS A 251 -17.86 -21.07 -2.72
N GLY A 252 -18.51 -20.09 -3.33
CA GLY A 252 -19.91 -20.23 -3.74
C GLY A 252 -20.92 -19.97 -2.64
N GLU A 253 -20.47 -19.74 -1.41
CA GLU A 253 -21.35 -19.47 -0.27
C GLU A 253 -21.50 -17.96 -0.09
N LYS A 254 -22.71 -17.49 0.22
CA LYS A 254 -22.88 -16.14 0.76
C LYS A 254 -22.26 -16.08 2.15
N VAL A 255 -21.39 -15.13 2.40
CA VAL A 255 -20.84 -15.01 3.75
C VAL A 255 -21.17 -13.71 4.46
N LEU A 256 -21.61 -12.70 3.72
CA LEU A 256 -21.87 -11.39 4.34
C LEU A 256 -22.48 -10.45 3.33
N ASN A 257 -23.49 -9.68 3.76
CA ASN A 257 -24.03 -8.56 2.96
C ASN A 257 -23.09 -7.34 3.12
N VAL A 258 -22.68 -6.68 2.02
CA VAL A 258 -21.65 -5.62 2.17
C VAL A 258 -22.14 -4.50 3.07
N LYS A 259 -23.47 -4.31 3.12
CA LYS A 259 -24.16 -3.37 4.04
C LYS A 259 -23.71 -3.51 5.51
N GLU A 260 -23.27 -4.71 5.88
CA GLU A 260 -22.75 -4.90 7.24
C GLU A 260 -21.36 -4.35 7.47
N MET A 261 -20.63 -4.00 6.40
CA MET A 261 -19.30 -3.39 6.53
C MET A 261 -19.40 -1.89 6.70
N LYS A 262 -18.33 -1.31 7.24
CA LYS A 262 -18.25 0.13 7.39
C LYS A 262 -17.45 0.76 6.23
N LEU A 263 -16.69 -0.07 5.51
CA LEU A 263 -15.96 0.37 4.34
C LEU A 263 -16.95 0.71 3.23
N SER A 264 -16.55 1.60 2.32
CA SER A 264 -17.29 1.77 1.07
C SER A 264 -16.35 1.62 -0.11
N GLY A 265 -16.94 1.46 -1.31
CA GLY A 265 -16.16 1.39 -2.54
C GLY A 265 -15.90 -0.05 -2.93
N GLN A 266 -16.22 -0.38 -4.18
CA GLN A 266 -16.07 -1.75 -4.65
C GLN A 266 -14.64 -2.26 -4.41
N HIS A 267 -13.63 -1.41 -4.63
CA HIS A 267 -12.26 -1.88 -4.42
C HIS A 267 -11.92 -2.16 -2.95
N ASN A 268 -12.53 -1.43 -2.02
CA ASN A 268 -12.47 -1.81 -0.59
C ASN A 268 -13.24 -3.13 -0.30
N TYR A 269 -14.26 -3.42 -1.09
CA TYR A 269 -14.93 -4.71 -0.86
C TYR A 269 -14.03 -5.83 -1.34
N THR A 270 -13.37 -5.64 -2.48
CA THR A 270 -12.38 -6.65 -2.88
C THR A 270 -11.17 -6.70 -1.91
N ASN A 271 -10.75 -5.56 -1.35
CA ASN A 271 -9.74 -5.62 -0.28
C ASN A 271 -10.19 -6.52 0.88
N ALA A 272 -11.48 -6.39 1.25
CA ALA A 272 -12.11 -7.20 2.29
C ALA A 272 -12.05 -8.71 1.94
N LEU A 273 -12.37 -9.04 0.69
CA LEU A 273 -12.20 -10.39 0.16
C LEU A 273 -10.76 -10.89 0.22
N ALA A 274 -9.79 -10.06 -0.24
CA ALA A 274 -8.40 -10.46 -0.16
C ALA A 274 -7.99 -10.73 1.28
N ALA A 275 -8.30 -9.81 2.18
CA ALA A 275 -8.04 -10.00 3.60
C ALA A 275 -8.69 -11.27 4.16
N LEU A 276 -9.97 -11.48 3.83
CA LEU A 276 -10.62 -12.72 4.24
C LEU A 276 -9.89 -13.96 3.74
N ALA A 277 -9.46 -13.91 2.47
CA ALA A 277 -8.77 -15.06 1.91
C ALA A 277 -7.47 -15.30 2.64
N LEU A 278 -6.73 -14.23 2.98
CA LEU A 278 -5.46 -14.42 3.68
C LEU A 278 -5.75 -14.97 5.07
N ALA A 279 -6.77 -14.42 5.74
CA ALA A 279 -7.08 -14.88 7.10
C ALA A 279 -7.55 -16.34 7.10
N ASP A 280 -8.35 -16.73 6.12
CA ASP A 280 -8.75 -18.14 6.04
C ASP A 280 -7.52 -19.04 5.87
N ALA A 281 -6.61 -18.64 4.98
CA ALA A 281 -5.43 -19.47 4.69
C ALA A 281 -4.57 -19.57 5.96
N ALA A 282 -4.54 -18.50 6.74
CA ALA A 282 -3.74 -18.47 7.97
C ALA A 282 -4.39 -19.26 9.13
N GLY A 283 -5.56 -19.88 8.88
CA GLY A 283 -6.30 -20.68 9.85
C GLY A 283 -7.04 -19.85 10.89
N LEU A 284 -7.26 -18.56 10.64
CA LEU A 284 -8.06 -17.79 11.59
C LEU A 284 -9.53 -18.23 11.57
N PRO A 285 -10.23 -18.16 12.71
CA PRO A 285 -11.63 -18.58 12.66
C PRO A 285 -12.47 -17.65 11.79
N ARG A 286 -13.30 -18.23 10.91
CA ARG A 286 -14.12 -17.47 9.98
C ARG A 286 -15.02 -16.46 10.69
N ALA A 287 -15.65 -16.85 11.81
CA ALA A 287 -16.68 -16.02 12.43
C ALA A 287 -16.06 -14.73 12.94
N SER A 288 -14.92 -14.85 13.59
CA SER A 288 -14.19 -13.67 14.01
C SER A 288 -13.64 -12.79 12.87
N SER A 289 -13.21 -13.38 11.75
CA SER A 289 -12.80 -12.57 10.61
C SER A 289 -13.94 -11.75 10.01
N LEU A 290 -15.13 -12.35 9.96
CA LEU A 290 -16.30 -11.70 9.42
C LEU A 290 -16.65 -10.59 10.38
N LYS A 291 -16.52 -10.86 11.67
CA LYS A 291 -16.78 -9.82 12.67
C LYS A 291 -15.85 -8.60 12.44
N ALA A 292 -14.58 -8.81 12.11
CA ALA A 292 -13.65 -7.70 11.88
C ALA A 292 -14.12 -6.91 10.64
N LEU A 293 -14.66 -7.60 9.66
CA LEU A 293 -15.24 -6.91 8.50
C LEU A 293 -16.36 -5.95 8.84
N THR A 294 -17.10 -6.22 9.93
CA THR A 294 -18.23 -5.40 10.30
C THR A 294 -17.83 -4.21 11.19
N THR A 295 -16.68 -4.32 11.84
CA THR A 295 -16.20 -3.29 12.77
C THR A 295 -15.12 -2.38 12.16
N PHE A 296 -14.36 -2.88 11.17
CA PHE A 296 -13.27 -2.11 10.58
C PHE A 296 -13.73 -0.83 9.87
N THR A 297 -13.27 0.34 10.34
CA THR A 297 -13.69 1.61 9.72
C THR A 297 -12.88 2.03 8.50
N GLY A 298 -11.74 1.40 8.25
CA GLY A 298 -10.88 1.87 7.17
C GLY A 298 -9.92 2.95 7.62
N LEU A 299 -8.85 3.13 6.85
CA LEU A 299 -7.80 4.09 7.18
C LEU A 299 -8.22 5.47 6.69
N PRO A 300 -7.69 6.50 7.32
CA PRO A 300 -8.19 7.85 7.01
C PRO A 300 -7.78 8.20 5.57
N HIS A 301 -8.68 8.86 4.81
CA HIS A 301 -8.31 9.35 3.47
C HIS A 301 -8.26 8.28 2.36
N ARG A 302 -8.68 7.08 2.68
CA ARG A 302 -8.69 6.00 1.71
C ARG A 302 -10.13 5.79 1.33
N PHE A 303 -10.54 6.37 0.20
CA PHE A 303 -11.96 6.34 -0.18
C PHE A 303 -12.88 6.37 1.08
N GLU A 304 -12.73 7.41 1.86
CA GLU A 304 -13.36 7.47 3.18
C GLU A 304 -14.63 8.34 3.10
N VAL A 305 -15.80 7.78 3.38
CA VAL A 305 -17.02 8.59 3.31
C VAL A 305 -16.98 9.63 4.43
N VAL A 306 -16.99 10.91 4.12
CA VAL A 306 -17.04 11.89 5.23
C VAL A 306 -18.43 12.34 5.59
N LEU A 307 -19.41 12.15 4.71
CA LEU A 307 -20.73 12.75 4.90
C LEU A 307 -21.69 12.13 3.89
N GLU A 308 -22.79 11.61 4.37
CA GLU A 308 -23.90 11.27 3.49
C GLU A 308 -25.16 12.01 3.91
N HIS A 309 -25.65 12.90 3.07
CA HIS A 309 -26.76 13.78 3.46
C HIS A 309 -27.50 14.34 2.24
N ASN A 310 -28.83 14.36 2.33
CA ASN A 310 -29.70 14.72 1.19
C ASN A 310 -29.43 13.88 -0.05
N GLY A 311 -29.05 12.62 0.16
CA GLY A 311 -28.77 11.68 -0.91
C GLY A 311 -27.49 11.98 -1.69
N VAL A 312 -26.62 12.83 -1.14
CA VAL A 312 -25.27 13.05 -1.68
C VAL A 312 -24.18 12.39 -0.78
N ARG A 313 -23.34 11.55 -1.36
CA ARG A 313 -22.17 11.01 -0.64
C ARG A 313 -20.92 11.84 -0.91
N TRP A 314 -20.29 12.33 0.15
CA TRP A 314 -19.02 13.07 0.01
C TRP A 314 -17.85 12.21 0.44
N ILE A 315 -16.95 11.93 -0.50
CA ILE A 315 -15.92 10.87 -0.31
C ILE A 315 -14.51 11.46 -0.37
N ASN A 316 -13.79 11.34 0.74
CA ASN A 316 -12.40 11.76 0.84
C ASN A 316 -11.47 10.61 0.45
N ASP A 317 -10.96 10.66 -0.79
CA ASP A 317 -9.96 9.72 -1.27
C ASP A 317 -8.69 10.51 -1.55
N SER A 318 -8.35 11.41 -0.65
CA SER A 318 -7.10 12.16 -0.75
C SER A 318 -5.84 11.33 -0.85
N LYS A 319 -5.82 10.13 -0.24
CA LYS A 319 -4.67 9.26 -0.39
C LYS A 319 -4.42 8.77 -1.83
N ALA A 320 -5.35 9.05 -2.73
CA ALA A 320 -5.15 8.62 -4.12
C ALA A 320 -4.23 9.63 -4.86
N THR A 321 -2.93 9.43 -4.70
CA THR A 321 -1.93 10.38 -5.19
C THR A 321 -1.30 9.85 -6.47
N ASN A 322 -1.91 8.81 -7.01
CA ASN A 322 -1.40 8.21 -8.23
C ASN A 322 -2.59 7.79 -9.09
N VAL A 323 -2.29 7.58 -10.36
CA VAL A 323 -3.34 7.24 -11.33
C VAL A 323 -4.07 5.91 -11.01
N GLY A 324 -3.33 4.89 -10.56
CA GLY A 324 -3.87 3.54 -10.27
C GLY A 324 -4.96 3.54 -9.16
N SER A 325 -4.74 4.34 -8.12
CA SER A 325 -5.71 4.50 -7.02
C SER A 325 -7.02 5.13 -7.51
N THR A 326 -6.91 6.23 -8.22
CA THR A 326 -8.10 6.92 -8.75
C THR A 326 -8.79 6.05 -9.78
N GLU A 327 -7.99 5.28 -10.55
CA GLU A 327 -8.61 4.49 -11.57
C GLU A 327 -9.49 3.42 -10.87
N ALA A 328 -8.98 2.85 -9.78
CA ALA A 328 -9.68 1.78 -9.05
C ALA A 328 -10.96 2.37 -8.48
N ALA A 329 -10.87 3.59 -7.95
CA ALA A 329 -12.05 4.29 -7.43
C ALA A 329 -13.13 4.45 -8.54
N LEU A 330 -12.71 4.92 -9.70
CA LEU A 330 -13.66 5.21 -10.78
C LEU A 330 -14.26 3.91 -11.28
N ASN A 331 -13.42 2.89 -11.42
CA ASN A 331 -13.81 1.62 -11.98
C ASN A 331 -14.92 0.98 -11.19
N GLY A 332 -14.95 1.20 -9.89
CA GLY A 332 -15.96 0.52 -9.08
C GLY A 332 -17.26 1.28 -8.85
N LEU A 333 -17.36 2.50 -9.39
CA LEU A 333 -18.48 3.41 -9.12
C LEU A 333 -19.83 2.91 -9.63
N HIS A 334 -20.88 3.17 -8.85
CA HIS A 334 -22.24 2.91 -9.30
C HIS A 334 -23.10 4.11 -8.88
N VAL A 335 -22.74 5.30 -9.35
CA VAL A 335 -23.43 6.52 -8.96
C VAL A 335 -24.77 6.68 -9.67
N ASP A 336 -25.84 6.90 -8.91
CA ASP A 336 -27.16 7.02 -9.53
C ASP A 336 -27.30 8.33 -10.29
N GLY A 337 -26.84 9.41 -9.67
CA GLY A 337 -26.93 10.74 -10.26
C GLY A 337 -25.60 11.13 -10.89
N THR A 338 -25.08 12.28 -10.49
CA THR A 338 -23.90 12.87 -11.15
C THR A 338 -22.69 12.69 -10.25
N LEU A 339 -21.57 12.28 -10.85
CA LEU A 339 -20.31 12.27 -10.14
C LEU A 339 -19.63 13.62 -10.27
N HIS A 340 -19.26 14.22 -9.14
CA HIS A 340 -18.46 15.45 -9.16
C HIS A 340 -17.07 15.11 -8.68
N LEU A 341 -16.12 15.14 -9.60
CA LEU A 341 -14.83 14.54 -9.33
C LEU A 341 -13.78 15.63 -9.26
N LEU A 342 -13.10 15.69 -8.10
CA LEU A 342 -12.00 16.64 -7.85
C LEU A 342 -10.63 16.02 -8.18
N LEU A 343 -9.91 16.67 -9.09
CA LEU A 343 -8.63 16.15 -9.64
C LEU A 343 -7.62 17.25 -9.59
N GLY A 344 -6.35 16.93 -9.37
CA GLY A 344 -5.32 17.94 -9.47
C GLY A 344 -4.33 18.00 -8.34
N GLY A 345 -3.38 18.91 -8.48
CA GLY A 345 -2.25 18.99 -7.56
C GLY A 345 -1.01 18.71 -8.37
N ASP A 346 -0.05 18.02 -7.76
CA ASP A 346 1.19 17.72 -8.45
C ASP A 346 1.13 16.33 -9.08
N GLY A 347 0.95 16.29 -10.40
CA GLY A 347 0.75 15.04 -11.13
C GLY A 347 2.01 14.22 -11.36
N LYS A 348 3.17 14.75 -10.96
CA LYS A 348 4.44 14.01 -10.97
C LYS A 348 4.70 13.39 -12.35
N SER A 349 4.38 14.14 -13.40
CA SER A 349 4.56 13.70 -14.80
C SER A 349 3.82 12.40 -15.19
N ALA A 350 2.79 12.02 -14.43
CA ALA A 350 1.98 10.83 -14.71
C ALA A 350 1.26 10.92 -16.04
N ASP A 351 0.96 9.76 -16.60
CA ASP A 351 0.05 9.64 -17.72
C ASP A 351 -1.38 9.43 -17.18
N PHE A 352 -2.23 10.42 -17.44
CA PHE A 352 -3.60 10.41 -16.93
C PHE A 352 -4.61 9.71 -17.85
N SER A 353 -4.20 9.31 -19.06
CA SER A 353 -5.08 8.61 -20.02
C SER A 353 -5.91 7.47 -19.44
N PRO A 354 -5.35 6.68 -18.52
CA PRO A 354 -6.20 5.56 -18.12
C PRO A 354 -7.51 6.01 -17.46
N LEU A 355 -7.57 7.27 -17.01
CA LEU A 355 -8.78 7.76 -16.34
C LEU A 355 -9.93 8.08 -17.32
N ALA A 356 -9.59 8.35 -18.58
CA ALA A 356 -10.50 9.00 -19.51
C ALA A 356 -11.71 8.11 -19.82
N ARG A 357 -11.52 6.80 -19.87
CA ARG A 357 -12.61 5.89 -20.21
C ARG A 357 -13.73 5.85 -19.15
N TYR A 358 -13.46 6.36 -17.97
CA TYR A 358 -14.46 6.43 -16.91
C TYR A 358 -15.21 7.74 -16.92
N LEU A 359 -14.80 8.66 -17.79
CA LEU A 359 -15.25 10.04 -17.71
C LEU A 359 -16.16 10.45 -18.88
N ASN A 360 -16.69 9.46 -19.61
CA ASN A 360 -17.70 9.69 -20.67
C ASN A 360 -19.12 9.69 -20.13
N GLY A 361 -20.07 9.97 -21.02
CA GLY A 361 -21.48 9.99 -20.64
C GLY A 361 -21.90 11.26 -19.92
N ASP A 362 -23.19 11.31 -19.60
CA ASP A 362 -23.88 12.55 -19.33
C ASP A 362 -23.77 12.99 -17.88
N ASN A 363 -23.25 12.12 -17.02
CA ASN A 363 -23.35 12.33 -15.58
C ASN A 363 -22.01 12.39 -14.84
N VAL A 364 -21.02 13.05 -15.44
CA VAL A 364 -19.72 13.33 -14.79
C VAL A 364 -19.37 14.80 -14.95
N ARG A 365 -18.90 15.42 -13.89
CA ARG A 365 -18.27 16.72 -13.89
C ARG A 365 -16.89 16.67 -13.23
N LEU A 366 -15.91 17.31 -13.88
CA LEU A 366 -14.58 17.39 -13.34
C LEU A 366 -14.32 18.76 -12.79
N TYR A 367 -13.65 18.83 -11.64
CA TYR A 367 -13.29 20.12 -11.09
C TYR A 367 -11.79 20.03 -10.82
N CYS A 368 -11.02 20.75 -11.61
CA CYS A 368 -9.61 20.46 -11.68
C CYS A 368 -8.88 21.64 -11.09
N PHE A 369 -7.86 21.36 -10.28
CA PHE A 369 -7.21 22.46 -9.58
C PHE A 369 -5.73 22.19 -9.37
N GLY A 370 -5.03 23.13 -8.76
CA GLY A 370 -3.63 22.92 -8.43
C GLY A 370 -2.66 23.00 -9.59
N ARG A 371 -1.39 22.71 -9.32
CA ARG A 371 -0.33 22.88 -10.32
C ARG A 371 -0.73 22.31 -11.69
N ASP A 372 -1.18 21.06 -11.72
CA ASP A 372 -1.34 20.39 -13.01
C ASP A 372 -2.81 20.21 -13.40
N GLY A 373 -3.66 21.09 -12.88
CA GLY A 373 -5.10 21.00 -13.13
C GLY A 373 -5.49 21.01 -14.60
N ALA A 374 -4.74 21.73 -15.43
CA ALA A 374 -5.01 21.78 -16.87
C ALA A 374 -4.80 20.44 -17.56
N GLN A 375 -3.83 19.66 -17.08
CA GLN A 375 -3.61 18.33 -17.65
C GLN A 375 -4.78 17.41 -17.32
N LEU A 376 -5.32 17.57 -16.12
CA LEU A 376 -6.47 16.76 -15.74
C LEU A 376 -7.75 17.20 -16.44
N ALA A 377 -7.94 18.51 -16.61
CA ALA A 377 -9.09 19.02 -17.36
C ALA A 377 -9.00 18.57 -18.82
N ALA A 378 -7.79 18.41 -19.33
CA ALA A 378 -7.62 18.03 -20.73
C ALA A 378 -8.19 16.63 -20.95
N LEU A 379 -8.45 15.89 -19.88
CA LEU A 379 -9.06 14.56 -20.04
CA LEU A 379 -9.08 14.56 -20.01
C LEU A 379 -10.41 14.69 -20.74
N ARG A 380 -11.15 15.75 -20.41
CA ARG A 380 -12.41 16.01 -21.04
C ARG A 380 -12.87 17.44 -20.77
N PRO A 381 -12.34 18.40 -21.54
CA PRO A 381 -12.54 19.83 -21.31
C PRO A 381 -14.03 20.24 -21.24
N GLU A 382 -14.89 19.59 -22.01
CA GLU A 382 -16.33 19.95 -22.12
C GLU A 382 -17.09 19.85 -20.81
N VAL A 383 -16.57 19.06 -19.88
CA VAL A 383 -17.23 18.91 -18.58
C VAL A 383 -16.32 19.28 -17.43
N ALA A 384 -15.25 20.02 -17.69
CA ALA A 384 -14.29 20.33 -16.63
C ALA A 384 -14.31 21.84 -16.30
N GLU A 385 -14.28 22.15 -15.01
CA GLU A 385 -13.94 23.47 -14.48
C GLU A 385 -12.48 23.45 -14.08
N GLN A 386 -11.84 24.61 -14.08
CA GLN A 386 -10.49 24.66 -13.56
C GLN A 386 -10.44 25.78 -12.59
N THR A 387 -9.96 25.50 -11.38
CA THR A 387 -9.79 26.60 -10.43
C THR A 387 -8.36 26.55 -9.94
N GLU A 388 -7.92 27.59 -9.25
CA GLU A 388 -6.65 27.54 -8.55
C GLU A 388 -6.64 26.51 -7.40
N THR A 389 -7.62 26.58 -6.51
CA THR A 389 -7.63 25.72 -5.32
C THR A 389 -8.77 24.71 -5.25
N MET A 390 -8.58 23.73 -4.37
CA MET A 390 -9.63 22.77 -4.05
C MET A 390 -10.87 23.45 -3.43
N GLU A 391 -10.65 24.46 -2.60
CA GLU A 391 -11.78 25.16 -1.97
C GLU A 391 -12.65 25.86 -3.01
N GLN A 392 -12.02 26.53 -3.96
CA GLN A 392 -12.76 27.11 -5.04
C GLN A 392 -13.56 26.05 -5.79
N ALA A 393 -12.93 24.90 -6.06
CA ALA A 393 -13.62 23.86 -6.80
C ALA A 393 -14.88 23.38 -6.03
N MET A 394 -14.75 23.27 -4.71
CA MET A 394 -15.86 22.83 -3.86
CA MET A 394 -15.85 22.82 -3.85
C MET A 394 -17.00 23.84 -3.80
N ARG A 395 -16.66 25.11 -3.83
CA ARG A 395 -17.68 26.16 -3.85
C ARG A 395 -18.36 26.34 -5.23
N LEU A 396 -17.72 25.86 -6.28
CA LEU A 396 -18.32 25.75 -7.58
C LEU A 396 -19.28 24.55 -7.68
N LEU A 397 -18.84 23.37 -7.22
CA LEU A 397 -19.66 22.19 -7.33
C LEU A 397 -20.85 22.14 -6.37
N ALA A 398 -20.66 22.66 -5.15
CA ALA A 398 -21.64 22.46 -4.08
C ALA A 398 -23.06 22.94 -4.43
N PRO A 399 -23.19 24.13 -5.03
CA PRO A 399 -24.53 24.61 -5.41
C PRO A 399 -25.16 23.75 -6.50
N ARG A 400 -24.38 22.85 -7.12
CA ARG A 400 -24.90 22.02 -8.20
C ARG A 400 -25.31 20.61 -7.77
N VAL A 401 -24.86 20.15 -6.60
CA VAL A 401 -25.17 18.78 -6.20
C VAL A 401 -26.68 18.54 -6.01
N GLN A 402 -27.12 17.34 -6.37
CA GLN A 402 -28.50 16.95 -6.19
C GLN A 402 -28.52 15.55 -5.58
N PRO A 403 -29.66 15.15 -4.97
CA PRO A 403 -29.81 13.80 -4.41
C PRO A 403 -29.41 12.72 -5.42
N GLY A 404 -28.56 11.79 -5.01
CA GLY A 404 -28.10 10.74 -5.91
C GLY A 404 -26.68 10.94 -6.40
N ASP A 405 -26.16 12.16 -6.25
CA ASP A 405 -24.82 12.53 -6.69
C ASP A 405 -23.72 12.03 -5.74
N MET A 406 -22.50 11.94 -6.27
CA MET A 406 -21.33 11.76 -5.43
C MET A 406 -20.38 12.89 -5.65
N VAL A 407 -19.76 13.34 -4.57
CA VAL A 407 -18.64 14.27 -4.66
C VAL A 407 -17.39 13.47 -4.22
N LEU A 408 -16.49 13.26 -5.17
CA LEU A 408 -15.32 12.43 -4.91
C LEU A 408 -14.03 13.23 -5.01
N LEU A 409 -13.30 13.35 -3.89
CA LEU A 409 -11.93 13.84 -3.99
C LEU A 409 -10.99 12.61 -4.19
N SER A 410 -10.53 12.40 -5.41
CA SER A 410 -9.61 11.32 -5.72
C SER A 410 -8.71 11.92 -6.79
N PRO A 411 -7.68 12.68 -6.39
CA PRO A 411 -7.10 13.71 -7.27
C PRO A 411 -6.04 13.16 -8.21
N ALA A 412 -5.64 11.90 -7.99
CA ALA A 412 -4.68 11.23 -8.85
C ALA A 412 -3.26 11.85 -8.81
N CYS A 413 -3.02 12.73 -7.83
CA CYS A 413 -1.86 13.65 -7.80
C CYS A 413 -1.42 13.79 -6.36
N ALA A 414 -0.14 14.06 -6.19
CA ALA A 414 0.39 14.53 -4.91
C ALA A 414 -0.17 15.89 -4.54
N SER A 415 -0.13 16.20 -3.25
CA SER A 415 -0.78 17.39 -2.73
C SER A 415 0.23 18.48 -2.43
N LEU A 416 1.51 18.19 -2.70
CA LEU A 416 2.60 18.96 -2.10
C LEU A 416 2.75 20.38 -2.65
N ASP A 417 2.15 20.65 -3.80
CA ASP A 417 2.17 21.99 -4.38
C ASP A 417 1.31 23.00 -3.59
N GLN A 418 0.30 22.53 -2.86
CA GLN A 418 -0.62 23.43 -2.16
C GLN A 418 -0.87 23.07 -0.69
N PHE A 419 -0.52 21.84 -0.31
CA PHE A 419 -0.82 21.38 1.03
C PHE A 419 0.46 20.88 1.67
N LYS A 420 0.42 20.77 3.00
CA LYS A 420 1.46 20.11 3.78
C LYS A 420 1.65 18.65 3.34
N ASN A 421 0.53 17.96 3.08
CA ASN A 421 0.55 16.54 2.75
C ASN A 421 -0.88 16.10 2.41
N PHE A 422 -1.06 14.86 1.97
CA PHE A 422 -2.39 14.43 1.51
C PHE A 422 -3.41 14.47 2.65
N GLU A 423 -2.93 14.39 3.89
CA GLU A 423 -3.82 14.37 5.05
C GLU A 423 -4.46 15.73 5.25
N GLN A 424 -3.67 16.78 5.07
CA GLN A 424 -4.23 18.14 5.13
C GLN A 424 -5.29 18.37 4.04
N ARG A 425 -4.97 17.96 2.82
CA ARG A 425 -5.89 18.03 1.72
C ARG A 425 -7.22 17.29 2.07
N GLY A 426 -7.12 16.10 2.64
CA GLY A 426 -8.32 15.32 3.04
C GLY A 426 -9.10 15.98 4.16
N ASN A 427 -8.41 16.42 5.21
CA ASN A 427 -9.05 17.13 6.29
C ASN A 427 -9.74 18.43 5.83
N GLU A 428 -9.08 19.15 4.93
CA GLU A 428 -9.66 20.35 4.37
C GLU A 428 -10.89 20.01 3.56
N PHE A 429 -10.81 18.95 2.78
CA PHE A 429 -11.97 18.48 2.01
C PHE A 429 -13.12 18.12 2.96
N ALA A 430 -12.80 17.43 4.05
CA ALA A 430 -13.86 16.95 4.95
C ALA A 430 -14.56 18.13 5.61
N ARG A 431 -13.80 19.17 6.00
CA ARG A 431 -14.39 20.34 6.65
C ARG A 431 -15.34 21.05 5.67
N LEU A 432 -14.88 21.27 4.45
CA LEU A 432 -15.70 21.92 3.45
C LEU A 432 -16.94 21.08 3.15
N ALA A 433 -16.75 19.77 3.09
CA ALA A 433 -17.90 18.93 2.77
C ALA A 433 -19.01 19.06 3.82
N LYS A 434 -18.65 19.04 5.10
CA LYS A 434 -19.63 19.24 6.18
C LYS A 434 -20.29 20.62 6.05
N GLU A 435 -19.50 21.64 5.71
CA GLU A 435 -20.04 23.00 5.62
C GLU A 435 -21.05 23.10 4.47
N LEU A 436 -20.71 22.50 3.35
CA LEU A 436 -21.42 22.72 2.09
C LEU A 436 -22.45 21.64 1.80
N GLY A 437 -22.33 20.50 2.51
CA GLY A 437 -23.16 19.32 2.27
C GLY A 437 -24.23 19.09 3.33
N SER A 438 -24.15 19.85 4.41
CA SER A 438 -25.24 19.93 5.40
C SER A 438 -26.09 21.16 5.14
N1 UMA B . 18.49 6.90 1.14
C2 UMA B . 19.64 7.56 0.66
N3 UMA B . 20.87 7.05 0.86
C4 UMA B . 20.99 5.90 1.52
C5 UMA B . 19.86 5.21 2.02
C6 UMA B . 18.61 5.75 1.82
O2 UMA B . 19.50 8.64 0.05
O4 UMA B . 22.12 5.41 1.70
C1B UMA B . 17.20 7.55 0.93
C2B UMA B . 16.43 7.00 -0.26
O2' UMA B . 16.17 8.12 -1.09
C3B UMA B . 15.07 6.61 0.28
C4B UMA B . 15.01 7.22 1.69
O4B UMA B . 16.37 7.46 2.10
O3B UMA B . 14.09 7.25 -0.52
C5B UMA B . 14.35 6.25 2.66
O5B UMA B . 14.93 4.96 2.43
PA UMA B . 15.18 3.99 3.70
O1A UMA B . 15.42 2.58 3.20
O2A UMA B . 16.18 4.65 4.62
O3A UMA B . 13.71 4.12 4.32
PB UMA B . 13.23 3.76 5.80
O1B UMA B . 13.10 5.05 6.58
O2B UMA B . 13.96 2.59 6.38
O1' UMA B . 11.71 3.34 5.42
C1' UMA B . 11.50 2.09 4.76
C2' UMA B . 10.39 2.28 3.76
N2' UMA B . 10.86 3.28 2.81
C7' UMA B . 11.16 2.96 1.52
O7' UMA B . 11.34 1.81 1.14
C8' UMA B . 11.23 4.09 0.53
C3' UMA B . 9.10 2.67 4.49
O3' UMA B . 8.04 2.75 3.55
C4' UMA B . 8.78 1.57 5.46
O4' UMA B . 7.60 1.96 6.18
C5' UMA B . 9.95 1.35 6.45
O5' UMA B . 11.18 1.12 5.74
C6' UMA B . 9.76 0.13 7.35
O6' UMA B . 9.86 -1.10 6.58
C18 UMA B . 7.66 4.09 3.15
C19 UMA B . 7.57 4.07 1.65
O18 UMA B . 7.49 5.10 1.01
C20 UMA B . 6.30 4.46 3.76
N4 UMA B . 7.60 2.87 1.07
C21 UMA B . 7.49 2.72 -0.37
C22 UMA B . 6.04 2.57 -0.82
O19 UMA B . 5.76 2.86 -2.01
O20 UMA B . 5.14 2.15 -0.01
C23 UMA B . 8.32 1.50 -0.76
PB ADP C . -0.95 1.46 0.11
O1B ADP C . -0.42 2.83 -0.20
O2B ADP C . -0.63 0.39 -0.88
O3B ADP C . -0.62 1.01 1.52
PA ADP C . -3.69 2.14 0.97
O1A ADP C . -4.54 1.07 1.54
O2A ADP C . -3.05 3.24 1.84
O3A ADP C . -2.54 1.49 0.06
O5' ADP C . -4.53 2.93 -0.19
C5' ADP C . -3.84 3.94 -0.98
C4' ADP C . -4.75 4.51 -2.10
O4' ADP C . -5.19 3.43 -2.94
C3' ADP C . -6.07 5.12 -1.54
O3' ADP C . -6.54 6.09 -2.47
C2' ADP C . -7.01 3.92 -1.62
O2' ADP C . -8.41 4.24 -1.64
C1' ADP C . -6.61 3.26 -2.94
N9 ADP C . -6.86 1.78 -2.95
C8 ADP C . -7.17 1.00 -1.88
N7 ADP C . -7.26 -0.28 -2.22
C5 ADP C . -7.03 -0.32 -3.54
C6 ADP C . -6.97 -1.37 -4.55
N6 ADP C . -7.19 -2.64 -4.16
N1 ADP C . -6.69 -0.99 -5.81
C2 ADP C . -6.42 0.28 -6.18
N3 ADP C . -6.47 1.30 -5.31
C4 ADP C . -6.74 1.03 -4.01
C1 MLI D . 2.55 13.35 -1.23
C2 MLI D . 2.38 11.86 -1.47
C3 MLI D . 1.28 13.88 -0.58
O6 MLI D . 2.56 11.41 -2.64
O7 MLI D . 2.04 11.15 -0.50
O8 MLI D . 0.43 14.39 -1.34
O9 MLI D . 1.12 13.81 0.66
C1 MLI E . -23.76 -2.34 -7.84
C2 MLI E . -23.04 -3.62 -8.22
C3 MLI E . -24.90 -2.06 -8.80
O6 MLI E . -22.38 -4.14 -7.27
O7 MLI E . -23.09 -4.13 -9.38
O8 MLI E . -24.99 -2.66 -9.92
O9 MLI E . -25.71 -1.19 -8.42
#